data_8RS6
#
_entry.id   8RS6
#
_cell.length_a   52.932
_cell.length_b   91.897
_cell.length_c   58.438
_cell.angle_alpha   90.00
_cell.angle_beta   97.97
_cell.angle_gamma   90.00
#
_symmetry.space_group_name_H-M   'P 1 21 1'
#
loop_
_entity.id
_entity.type
_entity.pdbx_description
1 polymer 'Genome polyprotein'
2 non-polymer (1~{E})-1-[3-[(2~{R})-1-phenylpropan-2-yl]-2~{H}-1,2,3-oxadiazol-3-ium-5-ylidene]-3-[3-(trifluoromethyl)phenyl]urea
3 water water
#
_entity_poly.entity_id   1
_entity_poly.type   'polypeptide(L)'
_entity_poly.pdbx_seq_one_letter_code
;MVDMYIERAGDITWEKDAEVTGNSPRLDVALDESGDFSLVEDDGPPMAGGGGSGGGGSGALWDVPAPKEVKKGETTDGVY
RVMTRGLLGSTQVGVGVMQEGVFHTMWHVTKGSALRSGEGRLDPYWGDVKQDLVSYCGPWKLDAAWDGHSEVQLLAVPPG
ERARNIQTLPGIFKTKDGDIGAVALDYPAGTSGSPILDKCGRVIGLYGNGVVIKNGSYVSAITQGRR
;
_entity_poly.pdbx_strand_id   A,B
#
# COMPACT_ATOMS: atom_id res chain seq x y z
N ASP A 3 13.33 -13.01 30.50
CA ASP A 3 12.34 -13.42 29.46
C ASP A 3 11.67 -12.22 28.78
N MET A 4 12.16 -11.91 27.57
CA MET A 4 11.58 -10.88 26.70
C MET A 4 10.71 -11.55 25.62
N TYR A 5 9.48 -11.05 25.46
CA TYR A 5 8.49 -11.60 24.50
C TYR A 5 7.66 -10.53 23.78
N ILE A 6 6.98 -10.95 22.72
CA ILE A 6 6.09 -10.10 21.91
C ILE A 6 4.64 -10.60 22.01
N GLU A 7 3.70 -9.68 22.21
CA GLU A 7 2.25 -9.93 22.07
C GLU A 7 1.63 -8.90 21.11
N ARG A 8 0.65 -9.33 20.32
CA ARG A 8 0.10 -8.52 19.22
C ARG A 8 -0.82 -7.41 19.76
N ALA A 9 -0.69 -6.22 19.16
CA ALA A 9 -1.47 -5.02 19.51
C ALA A 9 -2.64 -4.73 18.55
N GLY A 10 -2.47 -5.06 17.27
CA GLY A 10 -3.52 -4.86 16.24
C GLY A 10 -2.99 -4.86 14.81
N ASP A 11 -3.85 -4.49 13.88
CA ASP A 11 -3.49 -4.34 12.46
C ASP A 11 -2.75 -3.03 12.22
N ILE A 12 -1.97 -2.99 11.13
CA ILE A 12 -1.34 -1.78 10.60
C ILE A 12 -2.23 -1.27 9.47
N THR A 13 -3.05 -0.27 9.76
CA THR A 13 -3.94 0.39 8.79
C THR A 13 -3.97 1.91 8.98
N TRP A 14 -4.14 2.64 7.87
CA TRP A 14 -4.50 4.07 7.92
C TRP A 14 -5.99 4.14 8.20
N GLU A 15 -6.37 4.55 9.41
CA GLU A 15 -7.79 4.68 9.80
C GLU A 15 -8.34 6.02 9.30
N LYS A 16 -9.44 5.97 8.54
CA LYS A 16 -10.07 7.17 7.95
C LYS A 16 -10.65 8.12 8.99
N ASP A 17 -11.21 7.58 10.08
CA ASP A 17 -11.77 8.35 11.21
C ASP A 17 -10.82 8.39 12.42
N ALA A 18 -9.53 8.68 12.15
CA ALA A 18 -8.50 8.74 13.19
C ALA A 18 -8.61 10.04 13.97
N GLU A 19 -8.03 10.03 15.17
CA GLU A 19 -7.88 11.23 16.01
C GLU A 19 -6.94 12.22 15.30
N VAL A 20 -7.16 13.52 15.52
CA VAL A 20 -6.35 14.58 14.90
C VAL A 20 -5.82 15.47 16.01
N THR A 21 -4.50 15.56 16.13
CA THR A 21 -3.85 16.34 17.19
C THR A 21 -3.96 17.85 16.96
N GLY A 22 -4.13 18.60 18.05
CA GLY A 22 -3.96 20.04 18.06
C GLY A 22 -2.53 20.54 18.19
N ASN A 23 -1.57 19.64 18.45
CA ASN A 23 -0.14 19.99 18.62
C ASN A 23 0.57 20.51 17.36
N SER A 24 0.07 20.17 16.18
CA SER A 24 0.66 20.58 14.91
C SER A 24 -0.40 21.28 14.03
N PRO A 25 0.04 22.17 13.11
CA PRO A 25 -0.89 22.71 12.11
C PRO A 25 -1.31 21.67 11.08
N ARG A 26 -2.42 21.95 10.39
CA ARG A 26 -2.92 21.04 9.34
C ARG A 26 -2.22 21.39 8.02
N LEU A 27 -2.29 20.49 7.03
CA LEU A 27 -1.67 20.76 5.71
C LEU A 27 -2.56 21.74 4.96
N ASP A 28 -3.84 21.39 4.80
CA ASP A 28 -4.82 22.25 4.09
C ASP A 28 -6.18 22.13 4.79
N VAL A 29 -7.08 23.09 4.54
CA VAL A 29 -8.45 23.06 5.15
C VAL A 29 -9.47 23.32 4.04
N THR A 75 4.84 -14.50 13.48
CA THR A 75 5.24 -14.41 12.06
C THR A 75 4.26 -13.61 11.18
N THR A 76 2.94 -13.71 11.47
CA THR A 76 1.91 -12.95 10.73
C THR A 76 1.98 -11.46 11.05
N ASP A 77 1.63 -10.66 10.06
CA ASP A 77 1.95 -9.22 10.05
C ASP A 77 1.09 -8.42 11.04
N GLY A 78 1.65 -7.30 11.51
CA GLY A 78 0.95 -6.35 12.40
C GLY A 78 1.88 -5.69 13.41
N VAL A 79 1.29 -4.83 14.25
CA VAL A 79 2.00 -4.22 15.40
C VAL A 79 2.01 -5.18 16.60
N TYR A 80 3.13 -5.19 17.34
CA TYR A 80 3.29 -6.00 18.56
C TYR A 80 3.93 -5.18 19.68
N ARG A 81 3.50 -5.46 20.91
CA ARG A 81 4.09 -4.91 22.14
C ARG A 81 5.30 -5.79 22.52
N VAL A 82 6.48 -5.20 22.65
CA VAL A 82 7.67 -5.89 23.17
C VAL A 82 7.64 -5.79 24.71
N MET A 83 7.47 -6.93 25.37
CA MET A 83 7.30 -7.06 26.83
C MET A 83 8.52 -7.70 27.48
N THR A 84 8.66 -7.50 28.80
CA THR A 84 9.70 -8.13 29.65
C THR A 84 9.09 -8.49 31.01
N ARG A 85 8.81 -9.78 31.22
CA ARG A 85 8.30 -10.27 32.53
C ARG A 85 9.38 -10.28 33.61
N GLY A 86 8.98 -9.99 34.86
CA GLY A 86 9.87 -9.92 36.03
C GLY A 86 9.43 -10.78 37.19
N LEU A 87 9.86 -10.42 38.39
CA LEU A 87 9.50 -11.13 39.62
C LEU A 87 8.05 -10.84 40.02
N LEU A 88 7.69 -9.56 40.07
CA LEU A 88 6.30 -9.12 40.31
C LEU A 88 5.40 -9.38 39.08
N GLY A 89 5.30 -8.40 38.17
CA GLY A 89 4.32 -8.42 37.06
C GLY A 89 5.00 -8.52 35.71
N SER A 90 4.53 -7.71 34.76
CA SER A 90 5.13 -7.58 33.41
C SER A 90 5.19 -6.09 33.01
N THR A 91 6.07 -5.77 32.07
CA THR A 91 6.35 -4.36 31.69
C THR A 91 6.73 -4.22 30.20
N GLN A 92 6.01 -3.35 29.48
CA GLN A 92 6.24 -3.10 28.06
C GLN A 92 7.47 -2.22 27.86
N VAL A 93 8.51 -2.80 27.25
CA VAL A 93 9.80 -2.12 26.99
C VAL A 93 9.76 -1.35 25.65
N GLY A 94 8.98 -1.81 24.67
CA GLY A 94 8.78 -1.07 23.42
C GLY A 94 7.65 -1.58 22.54
N VAL A 95 7.71 -1.20 21.26
CA VAL A 95 6.74 -1.61 20.21
C VAL A 95 7.54 -2.05 18.96
N GLY A 96 6.92 -2.87 18.11
CA GLY A 96 7.53 -3.24 16.82
C GLY A 96 6.54 -3.74 15.77
N VAL A 97 7.05 -3.81 14.53
CA VAL A 97 6.28 -4.10 13.33
C VAL A 97 6.69 -5.47 12.80
N MET A 98 5.72 -6.37 12.60
CA MET A 98 5.94 -7.61 11.84
C MET A 98 5.45 -7.38 10.40
N GLN A 99 6.33 -7.68 9.43
CA GLN A 99 6.06 -7.45 8.01
C GLN A 99 6.96 -8.33 7.14
N GLU A 100 6.35 -9.12 6.25
CA GLU A 100 7.04 -10.05 5.33
C GLU A 100 7.92 -11.08 6.08
N GLY A 101 7.37 -11.64 7.18
CA GLY A 101 8.08 -12.58 8.04
C GLY A 101 9.29 -12.07 8.81
N VAL A 102 9.35 -10.75 9.05
CA VAL A 102 10.48 -10.08 9.71
C VAL A 102 9.91 -9.12 10.75
N PHE A 103 10.40 -9.22 11.99
CA PHE A 103 10.02 -8.31 13.08
C PHE A 103 11.02 -7.16 13.15
N HIS A 104 10.50 -5.93 13.09
CA HIS A 104 11.30 -4.69 13.08
C HIS A 104 11.00 -3.91 14.35
N THR A 105 12.05 -3.54 15.07
CA THR A 105 11.95 -2.63 16.21
C THR A 105 13.27 -1.84 16.36
N MET A 106 13.35 -1.03 17.42
CA MET A 106 14.52 -0.20 17.70
C MET A 106 15.46 -0.94 18.65
N TRP A 107 16.76 -0.69 18.52
CA TRP A 107 17.81 -1.41 19.28
C TRP A 107 17.65 -1.24 20.78
N HIS A 108 17.41 -0.02 21.25
CA HIS A 108 17.26 0.26 22.70
C HIS A 108 16.09 -0.47 23.42
N VAL A 109 15.10 -0.92 22.64
CA VAL A 109 13.97 -1.70 23.17
C VAL A 109 14.49 -3.07 23.65
N THR A 110 15.04 -3.85 22.71
CA THR A 110 15.51 -5.23 22.95
C THR A 110 16.97 -5.35 23.38
N LYS A 111 17.83 -4.50 22.82
CA LYS A 111 19.29 -4.52 23.01
C LYS A 111 19.91 -5.83 22.47
N GLY A 112 19.36 -6.34 21.37
CA GLY A 112 19.76 -7.61 20.77
C GLY A 112 19.24 -8.90 21.41
N SER A 113 18.32 -8.80 22.37
CA SER A 113 17.76 -9.98 23.07
C SER A 113 16.84 -10.76 22.14
N ALA A 114 16.89 -12.09 22.20
CA ALA A 114 16.00 -12.96 21.42
C ALA A 114 14.58 -12.87 21.98
N LEU A 115 13.59 -12.85 21.09
CA LEU A 115 12.18 -12.66 21.44
C LEU A 115 11.44 -13.98 21.39
N ARG A 116 10.73 -14.32 22.47
CA ARG A 116 9.75 -15.41 22.49
C ARG A 116 8.45 -14.91 21.82
N SER A 117 7.83 -15.77 21.00
CA SER A 117 6.58 -15.45 20.28
C SER A 117 5.60 -16.63 20.42
N GLY A 118 5.00 -16.73 21.61
CA GLY A 118 4.11 -17.83 21.98
C GLY A 118 4.86 -19.14 22.14
N GLU A 119 4.92 -19.90 21.05
CA GLU A 119 5.65 -21.18 20.97
C GLU A 119 7.04 -20.99 20.37
N GLY A 120 7.12 -20.30 19.23
CA GLY A 120 8.39 -20.01 18.54
C GLY A 120 9.28 -19.00 19.22
N ARG A 121 10.51 -18.87 18.70
CA ARG A 121 11.56 -17.95 19.19
C ARG A 121 12.19 -17.22 18.00
N LEU A 122 12.51 -15.94 18.19
CA LEU A 122 13.02 -15.04 17.13
C LEU A 122 14.43 -14.56 17.47
N ASP A 123 15.40 -14.92 16.62
CA ASP A 123 16.80 -14.45 16.73
C ASP A 123 17.01 -13.18 15.89
N PRO A 124 17.86 -12.23 16.35
CA PRO A 124 18.16 -11.04 15.54
C PRO A 124 19.07 -11.36 14.34
N TYR A 125 18.70 -10.84 13.18
CA TYR A 125 19.42 -11.06 11.92
C TYR A 125 20.42 -9.93 11.66
N TRP A 126 19.92 -8.69 11.71
CA TRP A 126 20.70 -7.46 11.42
C TRP A 126 20.37 -6.38 12.46
N GLY A 127 21.30 -5.45 12.66
CA GLY A 127 21.07 -4.26 13.48
C GLY A 127 22.07 -3.14 13.28
N ASP A 128 21.72 -1.95 13.75
CA ASP A 128 22.59 -0.77 13.76
C ASP A 128 22.30 0.02 15.05
N VAL A 129 23.35 0.22 15.84
CA VAL A 129 23.25 0.88 17.15
C VAL A 129 23.09 2.40 16.98
N LYS A 130 23.83 2.98 16.04
CA LYS A 130 23.83 4.43 15.78
C LYS A 130 22.49 4.91 15.19
N GLN A 131 21.96 4.18 14.20
CA GLN A 131 20.58 4.38 13.70
C GLN A 131 19.49 4.00 14.71
N ASP A 132 19.80 3.07 15.61
CA ASP A 132 18.93 2.57 16.68
C ASP A 132 17.81 1.74 16.06
N LEU A 133 18.21 0.72 15.30
CA LEU A 133 17.30 -0.20 14.60
C LEU A 133 17.81 -1.64 14.69
N VAL A 134 16.88 -2.60 14.55
CA VAL A 134 17.18 -4.04 14.62
C VAL A 134 16.05 -4.84 13.95
N SER A 135 16.43 -5.87 13.17
CA SER A 135 15.48 -6.80 12.54
C SER A 135 15.71 -8.23 13.01
N TYR A 136 14.64 -9.02 13.02
CA TYR A 136 14.62 -10.42 13.46
C TYR A 136 14.11 -11.31 12.33
N CYS A 137 14.67 -12.51 12.18
CA CYS A 137 14.28 -13.50 11.14
C CYS A 137 14.56 -13.15 9.66
N GLY A 138 15.24 -12.03 9.40
CA GLY A 138 15.53 -11.58 8.03
C GLY A 138 15.95 -10.12 7.96
N PRO A 139 16.42 -9.66 6.78
CA PRO A 139 16.94 -8.29 6.61
C PRO A 139 15.85 -7.21 6.69
N TRP A 140 16.26 -5.94 6.64
CA TRP A 140 15.32 -4.81 6.81
C TRP A 140 14.38 -4.65 5.59
N LYS A 141 13.08 -4.62 5.87
CA LYS A 141 12.00 -4.69 4.85
C LYS A 141 11.07 -3.47 4.76
N LEU A 142 11.20 -2.51 5.68
CA LEU A 142 10.43 -1.26 5.66
C LEU A 142 11.20 -0.24 4.81
N ASP A 143 10.99 -0.31 3.50
CA ASP A 143 11.64 0.57 2.48
C ASP A 143 10.95 1.93 2.22
N ALA A 144 9.73 2.12 2.75
CA ALA A 144 8.97 3.38 2.57
C ALA A 144 9.51 4.54 3.40
N ALA A 145 9.25 5.77 2.93
CA ALA A 145 9.69 7.02 3.58
C ALA A 145 8.63 8.13 3.48
N TRP A 146 8.75 9.14 4.34
CA TRP A 146 7.87 10.32 4.34
C TRP A 146 8.15 11.16 3.09
N ASP A 147 7.08 11.54 2.37
CA ASP A 147 7.22 12.37 1.15
C ASP A 147 7.71 13.81 1.39
N GLY A 148 7.42 14.34 2.58
CA GLY A 148 7.83 15.69 2.99
C GLY A 148 6.74 16.76 2.97
N HIS A 149 5.67 16.52 2.20
CA HIS A 149 4.58 17.49 1.96
C HIS A 149 3.19 16.90 2.27
N SER A 150 3.11 16.03 3.28
CA SER A 150 1.88 15.31 3.64
C SER A 150 1.79 15.04 5.13
N GLU A 151 0.54 14.89 5.59
CA GLU A 151 0.26 14.42 6.94
C GLU A 151 0.47 12.91 7.04
N VAL A 152 0.70 12.46 8.27
CA VAL A 152 0.97 11.07 8.61
C VAL A 152 0.01 10.64 9.71
N GLN A 153 -0.05 9.33 9.95
CA GLN A 153 -0.70 8.76 11.13
C GLN A 153 0.31 7.96 11.94
N LEU A 154 0.50 8.34 13.21
CA LEU A 154 1.21 7.51 14.19
C LEU A 154 0.24 6.46 14.70
N LEU A 155 0.54 5.19 14.44
CA LEU A 155 -0.14 4.06 15.11
C LEU A 155 0.53 3.84 16.47
N ALA A 156 0.18 4.68 17.44
CA ALA A 156 0.76 4.65 18.78
C ALA A 156 0.19 3.46 19.55
N VAL A 157 1.08 2.67 20.16
CA VAL A 157 0.73 1.49 20.96
C VAL A 157 1.32 1.70 22.37
N PRO A 158 0.68 2.57 23.20
CA PRO A 158 1.23 2.90 24.52
C PRO A 158 1.12 1.76 25.56
N PRO A 159 1.99 1.77 26.61
CA PRO A 159 1.94 0.72 27.64
C PRO A 159 0.63 0.71 28.45
N GLY A 160 0.04 -0.48 28.62
CA GLY A 160 -1.21 -0.68 29.36
C GLY A 160 -2.46 -0.04 28.75
N GLU A 161 -2.42 0.22 27.44
CA GLU A 161 -3.43 1.03 26.74
C GLU A 161 -3.54 0.59 25.28
N ARG A 162 -4.74 0.70 24.71
CA ARG A 162 -5.02 0.20 23.35
C ARG A 162 -4.29 1.00 22.26
N ALA A 163 -4.12 0.34 21.10
CA ALA A 163 -3.54 0.98 19.91
C ALA A 163 -4.50 2.02 19.34
N ARG A 164 -3.92 3.04 18.72
CA ARG A 164 -4.66 4.22 18.27
C ARG A 164 -3.89 4.95 17.18
N ASN A 165 -4.63 5.41 16.16
CA ASN A 165 -4.08 6.25 15.09
C ASN A 165 -4.31 7.72 15.45
N ILE A 166 -3.25 8.53 15.37
CA ILE A 166 -3.31 10.00 15.58
C ILE A 166 -2.76 10.67 14.32
N GLN A 167 -3.62 11.37 13.59
CA GLN A 167 -3.20 12.11 12.40
C GLN A 167 -2.51 13.42 12.78
N THR A 168 -1.45 13.74 12.04
CA THR A 168 -0.59 14.89 12.34
C THR A 168 0.29 15.25 11.13
N LEU A 169 0.63 16.54 11.03
CA LEU A 169 1.65 17.03 10.08
C LEU A 169 2.98 17.04 10.82
N PRO A 170 4.00 16.32 10.28
CA PRO A 170 5.34 16.44 10.87
C PRO A 170 5.94 17.84 10.74
N GLY A 171 6.67 18.26 11.78
CA GLY A 171 7.48 19.48 11.75
C GLY A 171 8.94 19.11 11.56
N ILE A 172 9.75 20.10 11.16
CA ILE A 172 11.20 19.97 11.04
C ILE A 172 11.82 20.91 12.07
N PHE A 173 12.70 20.37 12.92
CA PHE A 173 13.34 21.06 14.03
C PHE A 173 14.85 21.11 13.74
N LYS A 174 15.42 22.31 13.70
CA LYS A 174 16.87 22.51 13.60
C LYS A 174 17.56 22.25 14.94
N THR A 175 17.89 20.98 15.16
CA THR A 175 18.72 20.52 16.28
C THR A 175 20.21 20.73 15.95
N LYS A 176 21.07 20.74 16.97
CA LYS A 176 22.54 20.71 16.76
C LYS A 176 22.95 19.34 16.20
N ASP A 177 23.72 19.37 15.12
CA ASP A 177 24.02 18.17 14.31
C ASP A 177 22.77 17.49 13.63
N GLY A 178 21.82 18.34 13.19
CA GLY A 178 20.89 17.97 12.12
C GLY A 178 19.52 18.63 12.17
N ASP A 179 18.91 18.82 10.99
CA ASP A 179 17.50 19.20 10.87
C ASP A 179 16.66 17.94 10.93
N ILE A 180 16.18 17.60 12.13
CA ILE A 180 15.40 16.37 12.34
C ILE A 180 13.91 16.63 12.03
N GLY A 181 13.30 15.77 11.21
CA GLY A 181 11.85 15.73 11.02
C GLY A 181 11.22 14.88 12.11
N ALA A 182 10.08 15.31 12.63
CA ALA A 182 9.40 14.60 13.70
C ALA A 182 7.91 14.89 13.83
N VAL A 183 7.22 13.93 14.42
CA VAL A 183 5.80 14.02 14.77
C VAL A 183 5.77 14.62 16.19
N ALA A 184 5.04 15.72 16.39
CA ALA A 184 5.01 16.41 17.70
C ALA A 184 3.98 15.82 18.67
N LEU A 185 4.22 14.57 19.10
CA LEU A 185 3.34 13.80 19.98
C LEU A 185 4.13 13.09 21.09
N ASP A 186 4.03 13.56 22.32
CA ASP A 186 4.74 12.98 23.47
C ASP A 186 3.94 11.79 24.08
N TYR A 187 4.41 10.56 23.81
CA TYR A 187 3.91 9.33 24.43
C TYR A 187 4.96 8.72 25.38
N PRO A 188 4.54 7.86 26.35
CA PRO A 188 5.51 7.29 27.30
C PRO A 188 6.55 6.38 26.64
N ALA A 189 7.72 6.25 27.28
CA ALA A 189 8.75 5.30 26.84
C ALA A 189 8.21 3.88 27.04
N GLY A 190 8.36 3.05 26.01
CA GLY A 190 7.59 1.82 25.89
C GLY A 190 6.62 1.86 24.72
N THR A 191 6.18 3.06 24.34
CA THR A 191 5.53 3.33 23.04
C THR A 191 6.54 3.39 21.87
N SER A 192 7.83 3.62 22.15
CA SER A 192 8.87 3.74 21.12
C SER A 192 9.01 2.44 20.32
N GLY A 193 9.24 2.61 19.02
CA GLY A 193 9.06 1.59 18.00
C GLY A 193 7.69 1.50 17.34
N SER A 194 6.73 2.34 17.76
CA SER A 194 5.38 2.39 17.16
C SER A 194 5.46 2.93 15.72
N PRO A 195 4.76 2.28 14.76
CA PRO A 195 4.91 2.72 13.35
C PRO A 195 4.18 4.02 13.01
N ILE A 196 4.77 4.76 12.07
CA ILE A 196 4.21 5.97 11.50
C ILE A 196 3.89 5.62 10.04
N LEU A 197 2.68 5.98 9.62
CA LEU A 197 2.07 5.50 8.39
C LEU A 197 1.79 6.64 7.42
N ASP A 198 1.85 6.34 6.12
CA ASP A 198 1.34 7.24 5.05
C ASP A 198 -0.09 6.87 4.62
N LYS A 199 -0.71 7.77 3.85
CA LYS A 199 -2.06 7.55 3.25
C LYS A 199 -2.24 6.24 2.46
N CYS A 200 -1.15 5.77 1.84
CA CYS A 200 -1.09 4.47 1.13
C CYS A 200 -0.83 3.22 2.03
N GLY A 201 -0.92 3.37 3.37
CA GLY A 201 -0.81 2.25 4.32
C GLY A 201 0.58 1.81 4.79
N ARG A 202 1.64 2.34 4.17
CA ARG A 202 3.01 1.85 4.37
C ARG A 202 3.63 2.44 5.62
N VAL A 203 4.42 1.63 6.36
CA VAL A 203 5.20 2.12 7.51
C VAL A 203 6.40 2.93 7.00
N ILE A 204 6.38 4.23 7.27
CA ILE A 204 7.41 5.20 6.80
C ILE A 204 8.46 5.60 7.86
N GLY A 205 8.44 4.93 9.02
CA GLY A 205 9.31 5.27 10.16
C GLY A 205 8.78 4.72 11.46
N LEU A 206 9.66 4.56 12.44
CA LEU A 206 9.32 4.05 13.78
C LEU A 206 9.50 5.17 14.78
N TYR A 207 8.56 5.26 15.71
CA TYR A 207 8.48 6.37 16.67
C TYR A 207 9.51 6.19 17.79
N GLY A 208 10.11 7.30 18.23
CA GLY A 208 11.07 7.33 19.33
C GLY A 208 12.09 8.45 19.28
N ASN A 209 12.76 8.57 18.12
CA ASN A 209 13.97 9.42 17.94
C ASN A 209 13.92 10.49 16.83
N GLY A 210 12.82 10.58 16.07
CA GLY A 210 12.74 11.47 14.91
C GLY A 210 13.45 10.86 13.71
N VAL A 211 13.77 11.70 12.73
CA VAL A 211 14.50 11.28 11.53
C VAL A 211 15.33 12.45 10.96
N VAL A 212 16.63 12.20 10.76
CA VAL A 212 17.58 13.25 10.34
C VAL A 212 17.41 13.47 8.82
N ILE A 213 17.60 14.71 8.38
CA ILE A 213 17.47 15.13 6.97
C ILE A 213 18.75 15.88 6.56
N LYS A 214 19.37 15.43 5.44
CA LYS A 214 20.57 16.04 4.87
C LYS A 214 20.42 16.24 3.36
N ASP B 3 10.21 11.38 -14.11
CA ASP B 3 9.01 11.89 -14.85
C ASP B 3 8.06 10.76 -15.25
N MET B 4 7.01 10.55 -14.45
CA MET B 4 5.94 9.57 -14.72
C MET B 4 4.69 10.34 -15.13
N TYR B 5 4.10 9.96 -16.27
CA TYR B 5 2.92 10.65 -16.84
C TYR B 5 1.85 9.72 -17.38
N ILE B 6 0.65 10.28 -17.59
CA ILE B 6 -0.50 9.55 -18.17
C ILE B 6 -0.93 10.16 -19.51
N GLU B 7 -1.20 9.32 -20.51
CA GLU B 7 -1.81 9.75 -21.80
C GLU B 7 -2.97 8.82 -22.16
N ARG B 8 -4.01 9.40 -22.75
CA ARG B 8 -5.30 8.73 -22.92
C ARG B 8 -5.24 7.71 -24.08
N ALA B 9 -5.84 6.54 -23.85
CA ALA B 9 -5.89 5.43 -24.83
C ALA B 9 -7.23 5.33 -25.57
N GLY B 10 -8.33 5.70 -24.91
CA GLY B 10 -9.68 5.69 -25.50
C GLY B 10 -10.80 5.74 -24.46
N ASP B 11 -12.03 5.54 -24.94
CA ASP B 11 -13.21 5.47 -24.08
C ASP B 11 -13.32 4.10 -23.38
N ILE B 12 -14.03 4.07 -22.26
CA ILE B 12 -14.40 2.84 -21.56
C ILE B 12 -15.83 2.49 -22.00
N THR B 13 -15.94 1.56 -22.97
CA THR B 13 -17.23 1.06 -23.47
C THR B 13 -17.18 -0.45 -23.69
N TRP B 14 -18.34 -1.11 -23.49
CA TRP B 14 -18.54 -2.49 -23.90
C TRP B 14 -18.83 -2.47 -25.40
N GLU B 15 -17.88 -2.95 -26.20
CA GLU B 15 -18.03 -3.02 -27.66
C GLU B 15 -18.84 -4.27 -28.04
N LYS B 16 -19.92 -4.07 -28.80
CA LYS B 16 -20.83 -5.15 -29.21
C LYS B 16 -20.17 -6.17 -30.15
N ASP B 17 -19.30 -5.69 -31.05
CA ASP B 17 -18.52 -6.55 -31.96
C ASP B 17 -17.06 -6.68 -31.52
N ALA B 18 -16.87 -7.02 -30.24
CA ALA B 18 -15.54 -7.24 -29.66
C ALA B 18 -14.99 -8.59 -30.08
N GLU B 19 -13.67 -8.76 -29.94
CA GLU B 19 -13.00 -10.07 -30.14
C GLU B 19 -13.49 -11.05 -29.08
N VAL B 20 -13.59 -12.33 -29.43
CA VAL B 20 -14.00 -13.40 -28.51
C VAL B 20 -12.87 -14.41 -28.46
N THR B 21 -12.29 -14.60 -27.26
CA THR B 21 -11.15 -15.49 -27.07
C THR B 21 -11.55 -16.97 -27.15
N GLY B 22 -10.67 -17.76 -27.76
CA GLY B 22 -10.72 -19.23 -27.70
C GLY B 22 -10.14 -19.85 -26.44
N ASN B 23 -9.47 -19.06 -25.59
CA ASN B 23 -8.87 -19.53 -24.32
C ASN B 23 -9.87 -20.01 -23.25
N SER B 24 -11.10 -19.52 -23.29
CA SER B 24 -12.15 -19.88 -22.33
C SER B 24 -13.42 -20.32 -23.05
N PRO B 25 -14.24 -21.19 -22.39
CA PRO B 25 -15.54 -21.55 -22.98
C PRO B 25 -16.54 -20.39 -22.90
N ARG B 26 -17.60 -20.49 -23.71
CA ARG B 26 -18.65 -19.44 -23.72
C ARG B 26 -19.68 -19.78 -22.65
N LEU B 27 -20.44 -18.77 -22.19
CA LEU B 27 -21.48 -19.02 -21.17
C LEU B 27 -22.60 -19.81 -21.84
N ASP B 28 -23.08 -19.30 -22.98
CA ASP B 28 -24.16 -19.95 -23.77
C ASP B 28 -23.64 -20.20 -25.18
N VAL B 29 -23.51 -21.47 -25.58
CA VAL B 29 -22.99 -21.81 -26.94
C VAL B 29 -24.18 -22.05 -27.87
N THR B 75 -7.41 14.53 -17.69
CA THR B 75 -8.38 14.81 -16.61
C THR B 75 -9.78 14.19 -16.84
N THR B 76 -10.25 14.16 -18.09
CA THR B 76 -11.54 13.55 -18.47
C THR B 76 -11.53 12.03 -18.32
N ASP B 77 -12.73 11.44 -18.16
CA ASP B 77 -12.89 9.99 -17.92
C ASP B 77 -12.50 9.14 -19.13
N GLY B 78 -12.00 7.94 -18.85
CA GLY B 78 -11.49 7.00 -19.86
C GLY B 78 -10.28 6.20 -19.39
N VAL B 79 -9.78 5.34 -20.29
CA VAL B 79 -8.52 4.59 -20.08
C VAL B 79 -7.30 5.44 -20.43
N TYR B 80 -6.22 5.27 -19.65
CA TYR B 80 -4.94 5.96 -19.85
C TYR B 80 -3.77 4.99 -19.77
N ARG B 81 -2.73 5.24 -20.58
CA ARG B 81 -1.44 4.56 -20.49
C ARG B 81 -0.59 5.29 -19.45
N VAL B 82 -0.11 4.58 -18.42
CA VAL B 82 0.84 5.12 -17.44
C VAL B 82 2.25 4.92 -18.00
N MET B 83 2.92 6.03 -18.32
CA MET B 83 4.25 6.06 -18.96
C MET B 83 5.33 6.54 -18.01
N THR B 84 6.58 6.19 -18.33
CA THR B 84 7.78 6.67 -17.61
C THR B 84 8.87 7.04 -18.63
N ARG B 85 9.01 8.34 -18.89
CA ARG B 85 10.15 8.88 -19.63
C ARG B 85 11.42 8.88 -18.75
N GLY B 86 12.57 8.65 -19.39
CA GLY B 86 13.89 8.77 -18.77
C GLY B 86 14.71 9.80 -19.52
N LEU B 87 16.00 9.51 -19.72
CA LEU B 87 16.88 10.35 -20.56
C LEU B 87 16.55 10.18 -22.04
N LEU B 88 16.52 8.92 -22.49
CA LEU B 88 16.23 8.58 -23.90
C LEU B 88 14.73 8.74 -24.21
N GLY B 89 13.95 7.65 -24.10
CA GLY B 89 12.65 7.52 -24.76
C GLY B 89 11.51 7.52 -23.78
N SER B 90 10.50 6.67 -24.04
CA SER B 90 9.40 6.43 -23.11
C SER B 90 9.08 4.93 -23.04
N THR B 91 8.51 4.52 -21.91
CA THR B 91 8.20 3.10 -21.64
C THR B 91 6.94 2.99 -20.76
N GLN B 92 5.97 2.21 -21.23
CA GLN B 92 4.66 2.08 -20.56
C GLN B 92 4.79 1.11 -19.38
N VAL B 93 4.63 1.67 -18.17
CA VAL B 93 4.77 0.94 -16.91
C VAL B 93 3.43 0.29 -16.48
N GLY B 94 2.31 0.90 -16.83
CA GLY B 94 0.99 0.27 -16.65
C GLY B 94 -0.16 0.94 -17.38
N VAL B 95 -1.38 0.64 -16.93
CA VAL B 95 -2.64 1.20 -17.46
C VAL B 95 -3.48 1.69 -16.26
N GLY B 96 -4.39 2.63 -16.50
CA GLY B 96 -5.35 3.07 -15.48
C GLY B 96 -6.63 3.68 -16.00
N VAL B 97 -7.60 3.81 -15.09
CA VAL B 97 -8.98 4.25 -15.36
C VAL B 97 -9.17 5.62 -14.72
N MET B 98 -9.60 6.62 -15.50
CA MET B 98 -10.11 7.89 -14.95
C MET B 98 -11.64 7.79 -14.90
N GLN B 99 -12.22 8.10 -13.74
CA GLN B 99 -13.67 8.01 -13.51
C GLN B 99 -14.09 8.88 -12.31
N GLU B 100 -15.05 9.78 -12.52
CA GLU B 100 -15.60 10.69 -11.48
C GLU B 100 -14.51 11.56 -10.82
N GLY B 101 -13.63 12.12 -11.65
CA GLY B 101 -12.50 12.95 -11.19
C GLY B 101 -11.41 12.25 -10.38
N VAL B 102 -11.28 10.93 -10.53
CA VAL B 102 -10.31 10.10 -9.78
C VAL B 102 -9.62 9.14 -10.77
N PHE B 103 -8.28 9.12 -10.75
CA PHE B 103 -7.50 8.18 -11.57
C PHE B 103 -7.18 6.94 -10.74
N HIS B 104 -7.53 5.77 -11.26
CA HIS B 104 -7.40 4.46 -10.57
C HIS B 104 -6.40 3.61 -11.34
N THR B 105 -5.42 3.08 -10.63
CA THR B 105 -4.47 2.09 -11.17
C THR B 105 -3.96 1.20 -10.02
N MET B 106 -3.01 0.31 -10.34
CA MET B 106 -2.43 -0.62 -9.37
C MET B 106 -1.16 -0.01 -8.77
N TRP B 107 -0.88 -0.35 -7.52
CA TRP B 107 0.24 0.22 -6.75
C TRP B 107 1.60 -0.05 -7.41
N HIS B 108 1.83 -1.28 -7.85
CA HIS B 108 3.11 -1.67 -8.50
C HIS B 108 3.47 -0.91 -9.80
N VAL B 109 2.47 -0.31 -10.46
CA VAL B 109 2.69 0.52 -11.65
C VAL B 109 3.46 1.78 -11.25
N THR B 110 2.84 2.59 -10.38
CA THR B 110 3.37 3.89 -9.95
C THR B 110 4.27 3.85 -8.70
N LYS B 111 3.91 2.98 -7.76
CA LYS B 111 4.55 2.87 -6.43
C LYS B 111 4.41 4.15 -5.59
N GLY B 112 3.25 4.80 -5.74
CA GLY B 112 2.95 6.08 -5.08
C GLY B 112 3.53 7.35 -5.71
N SER B 113 4.10 7.25 -6.92
CA SER B 113 4.70 8.41 -7.61
C SER B 113 3.60 9.33 -8.12
N ALA B 114 3.82 10.64 -8.03
CA ALA B 114 2.89 11.64 -8.57
C ALA B 114 2.94 11.62 -10.09
N LEU B 115 1.76 11.67 -10.71
CA LEU B 115 1.60 11.56 -12.16
C LEU B 115 1.28 12.94 -12.73
N ARG B 116 2.02 13.37 -13.75
CA ARG B 116 1.63 14.56 -14.53
C ARG B 116 0.61 14.15 -15.59
N SER B 117 -0.47 14.92 -15.71
CA SER B 117 -1.48 14.76 -16.75
C SER B 117 -1.35 15.92 -17.75
N GLY B 118 -0.36 15.79 -18.64
CA GLY B 118 -0.04 16.82 -19.64
C GLY B 118 0.60 18.03 -19.00
N GLU B 119 -0.24 19.01 -18.64
CA GLU B 119 0.17 20.25 -17.94
C GLU B 119 0.03 20.10 -16.41
N GLY B 120 -1.12 19.62 -15.96
CA GLY B 120 -1.41 19.45 -14.53
C GLY B 120 -0.69 18.30 -13.84
N ARG B 121 -0.87 18.22 -12.52
CA ARG B 121 -0.21 17.23 -11.64
C ARG B 121 -1.26 16.51 -10.78
N LEU B 122 -1.03 15.21 -10.57
CA LEU B 122 -1.94 14.33 -9.80
C LEU B 122 -1.17 13.68 -8.63
N ASP B 123 -1.58 14.02 -7.40
CA ASP B 123 -1.04 13.40 -6.17
C ASP B 123 -1.93 12.21 -5.75
N PRO B 124 -1.31 11.14 -5.16
CA PRO B 124 -2.11 10.01 -4.68
C PRO B 124 -2.90 10.34 -3.41
N TYR B 125 -4.18 9.97 -3.40
CA TYR B 125 -5.10 10.25 -2.28
C TYR B 125 -5.10 9.07 -1.29
N TRP B 126 -5.34 7.87 -1.82
CA TRP B 126 -5.43 6.62 -1.05
C TRP B 126 -4.68 5.51 -1.80
N GLY B 127 -4.22 4.53 -1.03
CA GLY B 127 -3.60 3.31 -1.59
C GLY B 127 -3.59 2.14 -0.63
N ASP B 128 -3.37 0.94 -1.18
CA ASP B 128 -3.15 -0.29 -0.40
C ASP B 128 -2.17 -1.16 -1.19
N VAL B 129 -1.07 -1.52 -0.53
CA VAL B 129 0.02 -2.28 -1.16
C VAL B 129 -0.35 -3.77 -1.29
N LYS B 130 -1.01 -4.32 -0.27
CA LYS B 130 -1.41 -5.74 -0.24
C LYS B 130 -2.52 -6.06 -1.27
N GLN B 131 -3.54 -5.20 -1.36
CA GLN B 131 -4.53 -5.25 -2.45
C GLN B 131 -3.95 -4.88 -3.82
N ASP B 132 -2.90 -4.05 -3.83
CA ASP B 132 -2.17 -3.60 -5.02
C ASP B 132 -3.05 -2.64 -5.82
N LEU B 133 -3.51 -1.59 -5.12
CA LEU B 133 -4.39 -0.55 -5.69
C LEU B 133 -3.96 0.84 -5.19
N VAL B 134 -4.28 1.86 -5.98
CA VAL B 134 -3.96 3.26 -5.66
C VAL B 134 -4.88 4.20 -6.46
N SER B 135 -5.40 5.24 -5.78
CA SER B 135 -6.22 6.30 -6.39
C SER B 135 -5.51 7.67 -6.30
N TYR B 136 -5.83 8.55 -7.26
CA TYR B 136 -5.29 9.90 -7.34
C TYR B 136 -6.43 10.91 -7.36
N CYS B 137 -6.25 12.06 -6.70
CA CYS B 137 -7.24 13.17 -6.63
C CYS B 137 -8.53 12.93 -5.82
N GLY B 138 -8.70 11.74 -5.21
CA GLY B 138 -9.93 11.41 -4.47
C GLY B 138 -10.02 9.94 -4.11
N PRO B 139 -11.01 9.55 -3.29
CA PRO B 139 -11.14 8.15 -2.81
C PRO B 139 -11.55 7.17 -3.90
N TRP B 140 -11.56 5.87 -3.58
CA TRP B 140 -11.82 4.82 -4.57
C TRP B 140 -13.31 4.80 -5.00
N LYS B 141 -13.52 4.88 -6.31
CA LYS B 141 -14.85 5.11 -6.94
C LYS B 141 -15.37 3.99 -7.85
N LEU B 142 -14.54 2.96 -8.11
CA LEU B 142 -14.95 1.77 -8.85
C LEU B 142 -15.57 0.78 -7.85
N ASP B 143 -16.87 0.96 -7.61
CA ASP B 143 -17.68 0.09 -6.72
C ASP B 143 -18.27 -1.19 -7.36
N ALA B 144 -18.19 -1.32 -8.69
CA ALA B 144 -18.73 -2.48 -9.41
C ALA B 144 -17.87 -3.73 -9.26
N ALA B 145 -18.52 -4.89 -9.37
CA ALA B 145 -17.89 -6.21 -9.24
C ALA B 145 -18.50 -7.22 -10.22
N TRP B 146 -17.77 -8.31 -10.46
CA TRP B 146 -18.22 -9.41 -11.31
C TRP B 146 -19.38 -10.15 -10.62
N ASP B 147 -20.47 -10.38 -11.36
CA ASP B 147 -21.65 -11.08 -10.81
C ASP B 147 -21.44 -12.57 -10.51
N GLY B 148 -20.51 -13.20 -11.23
CA GLY B 148 -20.16 -14.61 -11.08
C GLY B 148 -20.72 -15.58 -12.11
N HIS B 149 -21.79 -15.17 -12.81
N HIS B 149 -21.82 -15.21 -12.78
CA HIS B 149 -22.51 -16.01 -13.79
CA HIS B 149 -22.48 -16.03 -13.80
C HIS B 149 -22.62 -15.32 -15.18
C HIS B 149 -22.65 -15.25 -15.11
N SER B 150 -21.59 -14.57 -15.56
CA SER B 150 -21.62 -13.76 -16.82
C SER B 150 -20.24 -13.60 -17.44
N GLU B 151 -20.24 -13.38 -18.77
CA GLU B 151 -19.03 -13.00 -19.50
C GLU B 151 -18.69 -11.54 -19.26
N VAL B 152 -17.41 -11.23 -19.48
CA VAL B 152 -16.82 -9.90 -19.27
C VAL B 152 -16.07 -9.48 -20.54
N GLN B 153 -15.71 -8.21 -20.61
CA GLN B 153 -14.79 -7.68 -21.64
C GLN B 153 -13.59 -7.02 -20.98
N LEU B 154 -12.38 -7.53 -21.27
CA LEU B 154 -11.14 -6.85 -20.92
C LEU B 154 -10.86 -5.77 -21.97
N LEU B 155 -10.86 -4.51 -21.55
CA LEU B 155 -10.36 -3.41 -22.37
C LEU B 155 -8.84 -3.35 -22.21
N ALA B 156 -8.15 -4.24 -22.92
CA ALA B 156 -6.68 -4.34 -22.86
C ALA B 156 -6.05 -3.19 -23.61
N VAL B 157 -5.12 -2.49 -22.96
CA VAL B 157 -4.36 -1.36 -23.54
C VAL B 157 -2.87 -1.73 -23.45
N PRO B 158 -2.40 -2.66 -24.34
CA PRO B 158 -1.00 -3.12 -24.26
C PRO B 158 0.05 -2.10 -24.71
N PRO B 159 1.32 -2.24 -24.25
CA PRO B 159 2.37 -1.29 -24.63
C PRO B 159 2.70 -1.29 -26.14
N GLY B 160 2.81 -0.09 -26.72
CA GLY B 160 3.10 0.10 -28.15
C GLY B 160 2.04 -0.39 -29.12
N GLU B 161 0.80 -0.51 -28.65
CA GLU B 161 -0.29 -1.17 -29.38
C GLU B 161 -1.65 -0.57 -28.97
N ARG B 162 -2.60 -0.53 -29.91
CA ARG B 162 -3.90 0.12 -29.66
C ARG B 162 -4.78 -0.63 -28.65
N ALA B 163 -5.72 0.10 -28.05
CA ALA B 163 -6.70 -0.48 -27.13
C ALA B 163 -7.68 -1.39 -27.87
N ARG B 164 -8.19 -2.38 -27.14
CA ARG B 164 -9.02 -3.44 -27.72
C ARG B 164 -9.86 -4.14 -26.63
N ASN B 165 -11.10 -4.46 -26.97
CA ASN B 165 -11.99 -5.26 -26.11
C ASN B 165 -11.89 -6.73 -26.51
N ILE B 166 -11.71 -7.63 -25.53
CA ILE B 166 -11.71 -9.10 -25.72
C ILE B 166 -12.77 -9.68 -24.79
N GLN B 167 -13.84 -10.22 -25.36
CA GLN B 167 -14.89 -10.89 -24.58
C GLN B 167 -14.44 -12.28 -24.15
N THR B 168 -14.77 -12.62 -22.89
CA THR B 168 -14.31 -13.85 -22.26
C THR B 168 -15.16 -14.20 -21.03
N LEU B 169 -15.25 -15.50 -20.74
CA LEU B 169 -15.83 -16.00 -19.50
C LEU B 169 -14.67 -16.16 -18.50
N PRO B 170 -14.76 -15.51 -17.31
CA PRO B 170 -13.80 -15.80 -16.25
C PRO B 170 -13.86 -17.25 -15.76
N GLY B 171 -12.69 -17.79 -15.44
CA GLY B 171 -12.54 -19.07 -14.74
C GLY B 171 -12.17 -18.81 -13.30
N ILE B 172 -12.37 -19.84 -12.47
CA ILE B 172 -11.99 -19.82 -11.05
C ILE B 172 -10.89 -20.89 -10.91
N PHE B 173 -9.74 -20.49 -10.34
CA PHE B 173 -8.55 -21.31 -10.20
C PHE B 173 -8.26 -21.48 -8.72
N LYS B 174 -8.30 -22.72 -8.21
CA LYS B 174 -8.00 -23.01 -6.80
C LYS B 174 -6.49 -23.07 -6.58
N THR B 175 -5.87 -21.91 -6.37
CA THR B 175 -4.46 -21.80 -5.95
C THR B 175 -4.34 -21.98 -4.42
N LYS B 176 -3.10 -22.10 -3.92
CA LYS B 176 -2.83 -22.17 -2.47
C LYS B 176 -3.16 -20.86 -1.72
N ASP B 177 -3.08 -19.70 -2.38
CA ASP B 177 -3.59 -18.41 -1.81
C ASP B 177 -5.10 -18.32 -1.60
N GLY B 178 -5.89 -19.11 -2.33
CA GLY B 178 -7.37 -19.05 -2.34
C GLY B 178 -7.94 -19.48 -3.70
N ASP B 179 -9.26 -19.38 -3.83
CA ASP B 179 -9.95 -19.60 -5.12
C ASP B 179 -9.97 -18.27 -5.87
N ILE B 180 -8.95 -18.02 -6.70
CA ILE B 180 -8.85 -16.73 -7.42
C ILE B 180 -9.63 -16.81 -8.74
N GLY B 181 -10.52 -15.84 -8.96
CA GLY B 181 -11.20 -15.65 -10.23
C GLY B 181 -10.32 -14.84 -11.18
N ALA B 182 -10.33 -15.20 -12.46
CA ALA B 182 -9.55 -14.48 -13.46
C ALA B 182 -10.02 -14.70 -14.89
N VAL B 183 -9.69 -13.74 -15.76
CA VAL B 183 -9.83 -13.87 -17.22
C VAL B 183 -8.55 -14.52 -17.73
N ALA B 184 -8.68 -15.61 -18.48
CA ALA B 184 -7.52 -16.38 -18.97
C ALA B 184 -6.92 -15.79 -20.26
N LEU B 185 -6.31 -14.60 -20.13
CA LEU B 185 -5.73 -13.82 -21.23
C LEU B 185 -4.36 -13.25 -20.86
N ASP B 186 -3.29 -13.80 -21.44
CA ASP B 186 -1.91 -13.36 -21.15
C ASP B 186 -1.50 -12.17 -22.03
N TYR B 187 -1.44 -10.98 -21.43
CA TYR B 187 -0.90 -9.75 -22.09
C TYR B 187 0.43 -9.32 -21.42
N PRO B 188 1.28 -8.52 -22.13
CA PRO B 188 2.57 -8.12 -21.55
C PRO B 188 2.45 -7.25 -20.30
N ALA B 189 3.49 -7.27 -19.45
CA ALA B 189 3.57 -6.38 -18.29
C ALA B 189 3.68 -4.94 -18.79
N GLY B 190 2.88 -4.04 -18.22
CA GLY B 190 2.60 -2.74 -18.80
C GLY B 190 1.16 -2.61 -19.28
N THR B 191 0.53 -3.74 -19.62
CA THR B 191 -0.93 -3.83 -19.78
C THR B 191 -1.69 -3.89 -18.45
N SER B 192 -1.01 -4.23 -17.35
CA SER B 192 -1.63 -4.34 -16.02
C SER B 192 -2.21 -3.00 -15.55
N GLY B 193 -3.36 -3.09 -14.89
CA GLY B 193 -4.27 -1.96 -14.66
C GLY B 193 -5.33 -1.71 -15.74
N SER B 194 -5.36 -2.51 -16.81
CA SER B 194 -6.38 -2.43 -17.87
C SER B 194 -7.75 -2.83 -17.32
N PRO B 195 -8.81 -2.04 -17.60
CA PRO B 195 -10.10 -2.36 -16.97
C PRO B 195 -10.83 -3.56 -17.58
N ILE B 196 -11.58 -4.25 -16.72
CA ILE B 196 -12.46 -5.36 -17.09
C ILE B 196 -13.87 -4.84 -16.85
N LEU B 197 -14.73 -5.03 -17.85
CA LEU B 197 -16.06 -4.41 -17.94
C LEU B 197 -17.16 -5.45 -17.90
N ASP B 198 -18.34 -5.06 -17.40
CA ASP B 198 -19.58 -5.85 -17.51
C ASP B 198 -20.47 -5.35 -18.66
N LYS B 199 -21.51 -6.14 -18.95
CA LYS B 199 -22.59 -5.84 -19.95
C LYS B 199 -23.21 -4.42 -19.82
N CYS B 200 -23.32 -3.95 -18.58
CA CYS B 200 -23.83 -2.60 -18.23
C CYS B 200 -22.77 -1.47 -18.27
N GLY B 201 -21.57 -1.72 -18.82
CA GLY B 201 -20.51 -0.70 -18.98
C GLY B 201 -19.57 -0.42 -17.81
N ARG B 202 -19.85 -0.98 -16.63
CA ARG B 202 -19.16 -0.63 -15.38
C ARG B 202 -17.83 -1.37 -15.26
N VAL B 203 -16.81 -0.68 -14.74
CA VAL B 203 -15.48 -1.28 -14.52
C VAL B 203 -15.54 -2.16 -13.27
N ILE B 204 -15.42 -3.48 -13.45
CA ILE B 204 -15.60 -4.50 -12.40
C ILE B 204 -14.29 -5.07 -11.83
N GLY B 205 -13.15 -4.47 -12.18
CA GLY B 205 -11.82 -4.99 -11.84
C GLY B 205 -10.76 -4.46 -12.77
N LEU B 206 -9.51 -4.41 -12.29
CA LEU B 206 -8.35 -4.01 -13.08
C LEU B 206 -7.48 -5.25 -13.31
N TYR B 207 -6.92 -5.35 -14.51
CA TYR B 207 -6.18 -6.55 -14.95
C TYR B 207 -4.76 -6.55 -14.35
N GLY B 208 -4.26 -7.73 -13.99
CA GLY B 208 -2.89 -7.91 -13.49
C GLY B 208 -2.67 -9.07 -12.54
N ASN B 209 -3.55 -9.18 -11.52
CA ASN B 209 -3.37 -10.09 -10.36
C ASN B 209 -4.51 -11.10 -10.07
N GLY B 210 -5.60 -11.05 -10.83
CA GLY B 210 -6.80 -11.85 -10.53
C GLY B 210 -7.61 -11.21 -9.42
N VAL B 211 -8.49 -11.99 -8.81
CA VAL B 211 -9.31 -11.53 -7.68
C VAL B 211 -9.70 -12.71 -6.76
N VAL B 212 -9.43 -12.58 -5.45
CA VAL B 212 -9.70 -13.65 -4.47
C VAL B 212 -11.20 -13.69 -4.18
N ILE B 213 -11.73 -14.91 -4.00
CA ILE B 213 -13.16 -15.18 -3.82
C ILE B 213 -13.32 -16.09 -2.61
#